data_4H4Y
#
_entry.id   4H4Y
#
_cell.length_a   97.934
_cell.length_b   97.934
_cell.length_c   171.733
_cell.angle_alpha   90.00
_cell.angle_beta   90.00
_cell.angle_gamma   120.00
#
_symmetry.space_group_name_H-M   'P 61 2 2'
#
loop_
_entity.id
_entity.type
_entity.pdbx_description
1 polymer 'Biphenyl dioxygenase ferredoxin reductase subunit'
2 non-polymer 'FLAVIN-ADENINE DINUCLEOTIDE'
3 non-polymer GLYCEROL
4 non-polymer 'NADP NICOTINAMIDE-ADENINE-DINUCLEOTIDE PHOSPHATE'
5 non-polymer 'FORMIC ACID'
6 water water
#
_entity_poly.entity_id   1
_entity_poly.type   'polypeptide(L)'
_entity_poly.pdbx_seq_one_letter_code
;MSQEALKAPVVVLGAGLASVSFVAELRQAGYQGLITVVGDEAERPYDRPPLSKDFMAHGDAEKIRLDCKRAPEVEWLLGV
TAQSFDPQAHTVALSDGRTLPYGTLVLATGAAPRALPTLQGATMPVHTLRTLEDARRIQAGLRPQSRLLIVGGGVIGLEL
AATARTAGVHVSLVARGPRLMSRAAPATLADFVARYHAAQGVDLRFERSVTGSVDGVVLLDDGTRIAADMVVVGIGVLAN
DALARAAGLACDDGIFVDAYGRTTCPDVYALGDVTRQRNPLSGRFERIETWSNAQNQGIAVARHLVDPTAPGYAELPWYW
SDQGALRIQVAGLASGDEEIVRGEVSLDAPKFTLIELQKGRIVGATCVNNARDFAPLRRLLAVGAKPDRAALADPATDLR
KLAAAVAA
;
_entity_poly.pdbx_strand_id   A
#
loop_
_chem_comp.id
_chem_comp.type
_chem_comp.name
_chem_comp.formula
FAD non-polymer 'FLAVIN-ADENINE DINUCLEOTIDE' 'C27 H33 N9 O15 P2'
FMT non-polymer 'FORMIC ACID' 'C H2 O2'
GOL non-polymer GLYCEROL 'C3 H8 O3'
NAP non-polymer 'NADP NICOTINAMIDE-ADENINE-DINUCLEOTIDE PHOSPHATE' 'C21 H28 N7 O17 P3'
#
# COMPACT_ATOMS: atom_id res chain seq x y z
N LEU A 6 21.83 -2.90 18.01
CA LEU A 6 22.28 -2.10 16.86
C LEU A 6 23.79 -2.12 16.68
N LYS A 7 24.24 -3.02 15.81
CA LYS A 7 25.65 -3.18 15.50
C LYS A 7 25.95 -2.59 14.14
N ALA A 8 26.96 -1.74 14.08
CA ALA A 8 27.43 -1.20 12.80
C ALA A 8 28.22 -2.26 12.03
N PRO A 9 28.26 -2.15 10.69
CA PRO A 9 27.54 -1.20 9.83
C PRO A 9 26.12 -1.67 9.53
N VAL A 10 25.24 -0.75 9.17
CA VAL A 10 23.87 -1.09 8.83
C VAL A 10 23.75 -1.20 7.32
N VAL A 11 23.14 -2.29 6.87
CA VAL A 11 22.82 -2.45 5.45
C VAL A 11 21.32 -2.61 5.32
N VAL A 12 20.71 -1.86 4.42
CA VAL A 12 19.28 -1.98 4.18
C VAL A 12 19.06 -2.43 2.74
N LEU A 13 18.23 -3.46 2.56
CA LEU A 13 17.91 -3.93 1.22
C LEU A 13 16.56 -3.40 0.80
N GLY A 14 16.52 -2.69 -0.32
CA GLY A 14 15.31 -1.98 -0.72
C GLY A 14 15.49 -0.49 -0.46
N ALA A 15 15.04 0.34 -1.40
CA ALA A 15 15.15 1.80 -1.29
C ALA A 15 13.81 2.50 -1.53
N GLY A 16 12.74 1.86 -1.06
CA GLY A 16 11.41 2.45 -1.12
C GLY A 16 11.11 3.30 0.12
N LEU A 17 9.85 3.64 0.29
CA LEU A 17 9.45 4.52 1.39
C LEU A 17 9.83 3.97 2.78
N ALA A 18 9.66 2.67 3.00
CA ALA A 18 10.00 2.12 4.30
C ALA A 18 11.49 2.27 4.60
N SER A 19 12.31 1.97 3.60
CA SER A 19 13.75 2.11 3.74
C SER A 19 14.19 3.55 4.02
N VAL A 20 13.71 4.49 3.21
CA VAL A 20 14.06 5.90 3.39
C VAL A 20 13.64 6.37 4.78
N SER A 21 12.42 6.01 5.19
CA SER A 21 11.91 6.44 6.49
C SER A 21 12.75 5.87 7.63
N PHE A 22 13.16 4.61 7.49
CA PHE A 22 14.01 3.94 8.47
C PHE A 22 15.39 4.61 8.58
N VAL A 23 16.05 4.84 7.44
CA VAL A 23 17.39 5.39 7.54
C VAL A 23 17.39 6.86 8.02
N ALA A 24 16.37 7.63 7.65
CA ALA A 24 16.24 8.99 8.17
C ALA A 24 16.06 8.96 9.69
N GLU A 25 15.24 8.04 10.19
CA GLU A 25 15.06 7.97 11.64
C GLU A 25 16.32 7.52 12.38
N LEU A 26 17.09 6.59 11.81
CA LEU A 26 18.35 6.18 12.46
C LEU A 26 19.25 7.38 12.69
N ARG A 27 19.41 8.18 11.64
CA ARG A 27 20.25 9.38 11.71
C ARG A 27 19.64 10.39 12.67
N GLN A 28 18.32 10.60 12.59
CA GLN A 28 17.70 11.59 13.45
C GLN A 28 17.81 11.20 14.91
N ALA A 29 17.80 9.90 15.17
CA ALA A 29 17.83 9.37 16.53
C ALA A 29 19.24 9.38 17.11
N GLY A 30 20.25 9.61 16.27
CA GLY A 30 21.61 9.73 16.77
C GLY A 30 22.62 8.69 16.30
N TYR A 31 22.19 7.71 15.50
CA TYR A 31 23.16 6.74 14.97
C TYR A 31 23.98 7.35 13.84
N GLN A 32 25.30 7.32 14.01
CA GLN A 32 26.20 7.98 13.05
C GLN A 32 27.16 7.03 12.34
N GLY A 33 26.96 5.73 12.52
CA GLY A 33 27.80 4.73 11.88
C GLY A 33 27.42 4.57 10.41
N LEU A 34 28.10 3.66 9.71
CA LEU A 34 27.80 3.44 8.29
C LEU A 34 26.37 2.98 8.05
N ILE A 35 25.77 3.50 6.98
CA ILE A 35 24.49 3.00 6.46
C ILE A 35 24.65 2.88 4.95
N THR A 36 24.34 1.71 4.43
CA THR A 36 24.40 1.48 2.99
C THR A 36 23.05 0.92 2.58
N VAL A 37 22.44 1.49 1.54
CA VAL A 37 21.14 1.03 1.06
C VAL A 37 21.28 0.45 -0.35
N VAL A 38 20.72 -0.74 -0.58
CA VAL A 38 20.83 -1.40 -1.86
C VAL A 38 19.45 -1.34 -2.51
N GLY A 39 19.35 -0.69 -3.67
CA GLY A 39 18.04 -0.54 -4.32
C GLY A 39 18.06 -1.01 -5.75
N ASP A 40 17.22 -1.98 -6.10
CA ASP A 40 17.33 -2.60 -7.42
C ASP A 40 16.87 -1.69 -8.57
N GLU A 41 15.92 -0.80 -8.29
CA GLU A 41 15.53 0.18 -9.30
C GLU A 41 16.58 1.28 -9.48
N ALA A 42 16.91 1.60 -10.73
CA ALA A 42 17.86 2.69 -11.01
C ALA A 42 17.12 4.01 -11.05
N GLU A 43 16.63 4.43 -9.89
CA GLU A 43 15.84 5.65 -9.77
C GLU A 43 16.14 6.27 -8.43
N ARG A 44 16.25 7.60 -8.41
CA ARG A 44 16.31 8.31 -7.15
C ARG A 44 15.05 7.90 -6.38
N PRO A 45 15.19 7.56 -5.09
CA PRO A 45 14.03 7.05 -4.36
C PRO A 45 12.82 7.96 -4.48
N TYR A 46 11.65 7.34 -4.70
CA TYR A 46 10.44 8.09 -5.06
C TYR A 46 9.22 7.46 -4.39
N ASP A 47 8.15 8.25 -4.28
CA ASP A 47 6.90 7.79 -3.66
C ASP A 47 5.97 7.22 -4.73
N ARG A 48 5.28 6.13 -4.41
CA ARG A 48 4.43 5.43 -5.38
C ARG A 48 3.00 5.95 -5.60
N PRO A 49 2.33 6.48 -4.54
CA PRO A 49 0.93 6.90 -4.78
C PRO A 49 0.72 7.83 -5.97
N PRO A 50 1.65 8.76 -6.27
CA PRO A 50 1.29 9.58 -7.44
C PRO A 50 1.28 8.84 -8.77
N LEU A 51 1.83 7.63 -8.80
CA LEU A 51 1.88 6.88 -10.06
C LEU A 51 0.50 6.53 -10.61
N SER A 52 -0.52 6.51 -9.76
CA SER A 52 -1.86 6.15 -10.23
C SER A 52 -2.65 7.43 -10.47
N LYS A 53 -2.03 8.57 -10.22
CA LYS A 53 -2.75 9.85 -10.23
C LYS A 53 -2.00 10.99 -10.93
N ASP A 54 -1.43 11.91 -10.15
CA ASP A 54 -0.83 13.10 -10.73
C ASP A 54 0.34 12.81 -11.67
N PHE A 55 1.10 11.76 -11.38
CA PHE A 55 2.18 11.41 -12.30
C PHE A 55 1.61 10.85 -13.59
N MET A 56 0.66 9.93 -13.48
CA MET A 56 0.04 9.32 -14.63
C MET A 56 -0.50 10.41 -15.56
N ALA A 57 -0.97 11.49 -14.94
CA ALA A 57 -1.62 12.59 -15.66
C ALA A 57 -0.64 13.65 -16.16
N HIS A 58 0.34 14.02 -15.34
CA HIS A 58 1.23 15.14 -15.66
C HIS A 58 2.72 14.76 -15.92
N GLY A 59 3.12 13.55 -15.58
CA GLY A 59 4.41 13.01 -15.99
C GLY A 59 5.73 13.60 -15.50
N ASP A 60 5.74 14.30 -14.37
CA ASP A 60 6.98 14.87 -13.85
C ASP A 60 7.51 14.10 -12.64
N ALA A 61 8.52 13.25 -12.84
CA ALA A 61 9.00 12.40 -11.76
C ALA A 61 9.75 13.18 -10.70
N GLU A 62 10.19 14.39 -11.03
CA GLU A 62 10.92 15.16 -10.04
C GLU A 62 10.00 15.73 -8.97
N LYS A 63 8.69 15.62 -9.20
CA LYS A 63 7.72 16.04 -8.19
C LYS A 63 7.37 14.93 -7.20
N ILE A 64 7.90 13.74 -7.42
CA ILE A 64 7.51 12.58 -6.59
C ILE A 64 8.69 11.92 -5.88
N ARG A 65 9.86 12.54 -5.93
CA ARG A 65 11.02 11.99 -5.22
C ARG A 65 10.84 12.11 -3.71
N LEU A 66 11.33 11.13 -2.97
CA LEU A 66 11.32 11.17 -1.50
C LEU A 66 12.48 12.03 -1.03
N ASP A 67 12.29 12.76 0.06
CA ASP A 67 13.35 13.64 0.56
C ASP A 67 14.31 12.89 1.48
N CYS A 68 15.54 12.72 1.02
CA CYS A 68 16.54 11.97 1.76
C CYS A 68 17.42 12.88 2.61
N LYS A 69 16.99 14.13 2.77
CA LYS A 69 17.77 15.14 3.50
C LYS A 69 17.97 14.80 4.96
N ARG A 70 16.95 14.23 5.60
CA ARG A 70 17.06 13.82 7.00
C ARG A 70 17.87 12.53 7.13
N ALA A 71 18.35 12.02 5.99
CA ALA A 71 19.27 10.89 6.00
C ALA A 71 20.67 11.22 5.42
N PRO A 72 21.44 12.07 6.11
CA PRO A 72 22.76 12.41 5.57
C PRO A 72 23.78 11.26 5.68
N GLU A 73 24.82 11.30 4.84
CA GLU A 73 25.91 10.32 4.93
C GLU A 73 25.44 8.88 4.76
N VAL A 74 24.54 8.67 3.78
CA VAL A 74 24.09 7.34 3.44
C VAL A 74 24.55 7.06 2.02
N GLU A 75 25.20 5.93 1.78
CA GLU A 75 25.48 5.53 0.41
C GLU A 75 24.30 4.72 -0.14
N TRP A 76 23.69 5.21 -1.23
CA TRP A 76 22.58 4.54 -1.89
C TRP A 76 23.10 3.82 -3.13
N LEU A 77 23.12 2.48 -3.13
CA LEU A 77 23.54 1.73 -4.32
C LEU A 77 22.32 1.46 -5.20
N LEU A 78 22.07 2.37 -6.14
CA LEU A 78 20.86 2.29 -6.98
C LEU A 78 21.15 1.43 -8.20
N GLY A 79 20.15 0.70 -8.66
CA GLY A 79 20.29 -0.14 -9.84
C GLY A 79 21.06 -1.40 -9.56
N VAL A 80 21.09 -1.80 -8.29
CA VAL A 80 21.85 -2.97 -7.85
C VAL A 80 20.91 -3.90 -7.11
N THR A 81 20.97 -5.20 -7.40
CA THR A 81 20.10 -6.17 -6.73
C THR A 81 20.88 -6.98 -5.69
N ALA A 82 20.37 -7.04 -4.47
CA ALA A 82 20.90 -7.98 -3.48
C ALA A 82 20.45 -9.37 -3.88
N GLN A 83 21.40 -10.28 -4.10
CA GLN A 83 21.07 -11.61 -4.60
C GLN A 83 20.92 -12.64 -3.48
N SER A 84 21.64 -12.45 -2.39
CA SER A 84 21.58 -13.36 -1.24
C SER A 84 22.23 -12.72 -0.03
N PHE A 85 21.95 -13.25 1.17
CA PHE A 85 22.77 -12.89 2.31
C PHE A 85 23.13 -14.12 3.11
N ASP A 86 24.29 -14.06 3.75
CA ASP A 86 24.80 -15.14 4.58
C ASP A 86 24.72 -14.68 6.03
N PRO A 87 23.71 -15.17 6.76
CA PRO A 87 23.50 -14.62 8.10
C PRO A 87 24.53 -15.09 9.12
N GLN A 88 25.34 -16.08 8.77
CA GLN A 88 26.43 -16.47 9.67
C GLN A 88 27.66 -15.60 9.42
N ALA A 89 28.03 -15.49 8.14
CA ALA A 89 29.14 -14.63 7.73
C ALA A 89 28.84 -13.14 7.90
N HIS A 90 27.56 -12.79 8.05
CA HIS A 90 27.11 -11.39 8.09
C HIS A 90 27.55 -10.62 6.83
N THR A 91 27.23 -11.17 5.66
CA THR A 91 27.55 -10.52 4.40
C THR A 91 26.33 -10.56 3.46
N VAL A 92 26.29 -9.62 2.52
CA VAL A 92 25.30 -9.60 1.46
C VAL A 92 25.98 -9.66 0.11
N ALA A 93 25.48 -10.51 -0.79
CA ALA A 93 26.04 -10.62 -2.14
C ALA A 93 25.27 -9.75 -3.15
N LEU A 94 25.98 -8.91 -3.89
CA LEU A 94 25.32 -7.96 -4.81
C LEU A 94 25.44 -8.39 -6.26
N SER A 95 24.48 -7.97 -7.09
CA SER A 95 24.44 -8.34 -8.50
C SER A 95 25.62 -7.78 -9.30
N ASP A 96 26.29 -6.78 -8.75
CA ASP A 96 27.42 -6.18 -9.46
C ASP A 96 28.76 -6.84 -9.08
N GLY A 97 28.68 -7.93 -8.31
CA GLY A 97 29.86 -8.69 -7.95
C GLY A 97 30.43 -8.34 -6.59
N ARG A 98 29.98 -7.25 -5.98
CA ARG A 98 30.51 -6.84 -4.69
C ARG A 98 29.82 -7.56 -3.52
N THR A 99 30.48 -7.57 -2.37
CA THR A 99 29.91 -8.07 -1.12
C THR A 99 29.90 -6.96 -0.08
N LEU A 100 28.80 -6.83 0.66
CA LEU A 100 28.75 -5.88 1.78
C LEU A 100 28.75 -6.66 3.10
N PRO A 101 29.56 -6.21 4.05
CA PRO A 101 29.50 -6.75 5.41
C PRO A 101 28.39 -6.04 6.18
N TYR A 102 27.80 -6.69 7.18
CA TYR A 102 26.86 -5.97 8.03
C TYR A 102 26.97 -6.38 9.49
N GLY A 103 26.71 -5.41 10.37
CA GLY A 103 26.44 -5.74 11.76
C GLY A 103 24.95 -5.97 11.93
N THR A 104 24.16 -5.13 11.26
CA THR A 104 22.70 -5.21 11.32
C THR A 104 22.16 -5.16 9.91
N LEU A 105 21.31 -6.12 9.53
CA LEU A 105 20.74 -6.17 8.19
C LEU A 105 19.25 -5.88 8.26
N VAL A 106 18.74 -5.05 7.35
CA VAL A 106 17.34 -4.65 7.40
C VAL A 106 16.73 -4.94 6.04
N LEU A 107 15.69 -5.78 6.02
CA LEU A 107 15.05 -6.15 4.76
C LEU A 107 13.82 -5.27 4.55
N ALA A 108 13.89 -4.40 3.55
CA ALA A 108 12.81 -3.46 3.26
C ALA A 108 12.50 -3.54 1.77
N THR A 109 12.35 -4.77 1.29
CA THR A 109 12.25 -5.06 -0.15
C THR A 109 10.83 -5.01 -0.72
N GLY A 110 9.85 -4.67 0.13
CA GLY A 110 8.48 -4.46 -0.35
C GLY A 110 7.78 -5.66 -0.98
N ALA A 111 7.00 -5.38 -2.02
CA ALA A 111 6.18 -6.41 -2.65
C ALA A 111 6.08 -6.13 -4.14
N ALA A 112 5.79 -7.17 -4.92
CA ALA A 112 5.68 -7.02 -6.36
C ALA A 112 4.29 -7.47 -6.81
N PRO A 113 3.75 -6.87 -7.87
CA PRO A 113 2.41 -7.22 -8.33
C PRO A 113 2.28 -8.69 -8.71
N ARG A 114 1.15 -9.28 -8.35
CA ARG A 114 0.86 -10.66 -8.72
C ARG A 114 0.53 -10.64 -10.21
N ALA A 115 1.02 -11.64 -10.94
CA ALA A 115 0.71 -11.75 -12.36
C ALA A 115 -0.54 -12.58 -12.54
N LEU A 116 -1.18 -12.45 -13.70
CA LEU A 116 -2.37 -13.20 -14.00
C LEU A 116 -1.99 -14.39 -14.90
N PRO A 117 -2.00 -15.62 -14.33
CA PRO A 117 -1.57 -16.82 -15.04
C PRO A 117 -2.28 -17.00 -16.39
N THR A 118 -3.57 -16.65 -16.46
CA THR A 118 -4.32 -16.75 -17.71
C THR A 118 -3.87 -15.77 -18.80
N LEU A 119 -3.15 -14.72 -18.42
CA LEU A 119 -2.66 -13.78 -19.43
C LEU A 119 -1.17 -13.97 -19.71
N GLN A 120 -0.61 -15.07 -19.22
CA GLN A 120 0.84 -15.30 -19.32
C GLN A 120 1.38 -15.21 -20.75
N GLY A 121 0.74 -15.90 -21.69
CA GLY A 121 1.15 -15.84 -23.08
C GLY A 121 0.36 -14.84 -23.89
N ALA A 122 -0.01 -13.73 -23.27
CA ALA A 122 -0.78 -12.69 -23.96
C ALA A 122 0.05 -12.02 -25.05
N THR A 123 -0.64 -11.52 -26.09
CA THR A 123 0.00 -10.88 -27.23
C THR A 123 -0.61 -9.49 -27.47
N MET A 124 -1.13 -8.91 -26.40
CA MET A 124 -1.62 -7.55 -26.39
C MET A 124 -0.93 -6.90 -25.19
N PRO A 125 -0.85 -5.56 -25.14
CA PRO A 125 -0.16 -4.93 -24.00
C PRO A 125 -0.80 -5.26 -22.64
N VAL A 126 -0.05 -5.93 -21.77
CA VAL A 126 -0.51 -6.24 -20.41
C VAL A 126 0.54 -5.75 -19.39
N HIS A 127 0.15 -4.77 -18.56
CA HIS A 127 1.06 -4.21 -17.55
C HIS A 127 0.52 -4.35 -16.13
N THR A 128 1.42 -4.22 -15.16
CA THR A 128 0.99 -4.05 -13.78
C THR A 128 1.42 -2.61 -13.46
N LEU A 129 1.02 -2.09 -12.30
CA LEU A 129 1.34 -0.71 -11.97
C LEU A 129 1.96 -0.65 -10.59
N ARG A 130 3.29 -0.65 -10.54
CA ARG A 130 4.00 -0.61 -9.26
C ARG A 130 5.15 0.39 -9.32
N THR A 131 5.81 0.48 -10.47
CA THR A 131 7.01 1.30 -10.56
C THR A 131 6.85 2.50 -11.49
N LEU A 132 7.82 3.42 -11.41
CA LEU A 132 7.88 4.54 -12.32
C LEU A 132 7.92 4.04 -13.77
N GLU A 133 8.67 2.96 -14.00
CA GLU A 133 8.77 2.37 -15.34
C GLU A 133 7.41 1.84 -15.82
N ASP A 134 6.67 1.20 -14.93
CA ASP A 134 5.29 0.79 -15.23
C ASP A 134 4.44 1.98 -15.63
N ALA A 135 4.51 3.05 -14.83
CA ALA A 135 3.61 4.17 -15.03
C ALA A 135 3.92 4.87 -16.35
N ARG A 136 5.21 5.02 -16.63
CA ARG A 136 5.64 5.61 -17.90
C ARG A 136 5.12 4.81 -19.07
N ARG A 137 5.15 3.48 -18.95
CA ARG A 137 4.76 2.58 -20.01
C ARG A 137 3.26 2.63 -20.24
N ILE A 138 2.50 2.64 -19.14
CA ILE A 138 1.04 2.74 -19.19
C ILE A 138 0.63 4.09 -19.76
N GLN A 139 1.21 5.16 -19.22
CA GLN A 139 1.01 6.53 -19.69
C GLN A 139 1.11 6.63 -21.21
N ALA A 140 2.14 6.00 -21.78
CA ALA A 140 2.43 6.09 -23.20
C ALA A 140 1.45 5.29 -24.09
N GLY A 141 0.54 4.55 -23.47
CA GLY A 141 -0.44 3.81 -24.24
C GLY A 141 -1.86 4.31 -23.99
N LEU A 142 -1.96 5.42 -23.26
CA LEU A 142 -3.23 5.94 -22.79
C LEU A 142 -3.74 7.11 -23.63
N ARG A 143 -4.01 6.88 -24.91
CA ARG A 143 -4.60 7.92 -25.74
C ARG A 143 -6.08 8.09 -25.38
N PRO A 144 -6.59 9.32 -25.48
CA PRO A 144 -8.04 9.51 -25.33
C PRO A 144 -8.81 8.62 -26.32
N GLN A 145 -9.92 8.05 -25.87
CA GLN A 145 -10.69 7.07 -26.64
C GLN A 145 -10.03 5.69 -26.80
N SER A 146 -8.86 5.49 -26.18
CA SER A 146 -8.32 4.14 -26.06
C SER A 146 -9.25 3.36 -25.16
N ARG A 147 -9.19 2.04 -25.25
CA ARG A 147 -9.97 1.22 -24.33
C ARG A 147 -9.05 0.49 -23.36
N LEU A 148 -9.18 0.86 -22.09
CA LEU A 148 -8.39 0.27 -21.02
C LEU A 148 -9.23 -0.74 -20.25
N LEU A 149 -8.70 -1.96 -20.09
CA LEU A 149 -9.32 -2.92 -19.18
C LEU A 149 -8.46 -3.06 -17.94
N ILE A 150 -9.08 -2.87 -16.77
CA ILE A 150 -8.41 -3.12 -15.50
C ILE A 150 -8.90 -4.43 -14.89
N VAL A 151 -7.97 -5.31 -14.49
CA VAL A 151 -8.33 -6.54 -13.82
C VAL A 151 -8.06 -6.39 -12.33
N GLY A 152 -9.09 -6.55 -11.52
CA GLY A 152 -8.97 -6.44 -10.08
C GLY A 152 -9.72 -5.23 -9.55
N GLY A 153 -10.33 -5.36 -8.39
CA GLY A 153 -11.14 -4.28 -7.85
C GLY A 153 -10.54 -3.57 -6.64
N GLY A 154 -9.22 -3.63 -6.51
CA GLY A 154 -8.55 -2.96 -5.41
C GLY A 154 -8.36 -1.48 -5.67
N VAL A 155 -7.72 -0.77 -4.72
CA VAL A 155 -7.70 0.68 -4.82
C VAL A 155 -6.81 1.22 -5.93
N ILE A 156 -5.74 0.50 -6.25
CA ILE A 156 -4.80 1.00 -7.26
C ILE A 156 -5.48 1.05 -8.64
N GLY A 157 -6.15 -0.05 -8.99
CA GLY A 157 -6.91 -0.12 -10.23
C GLY A 157 -8.02 0.93 -10.29
N LEU A 158 -8.67 1.17 -9.15
CA LEU A 158 -9.72 2.18 -9.06
C LEU A 158 -9.16 3.59 -9.15
N GLU A 159 -7.98 3.81 -8.56
CA GLU A 159 -7.32 5.10 -8.70
C GLU A 159 -6.97 5.36 -10.16
N LEU A 160 -6.43 4.33 -10.83
CA LEU A 160 -6.08 4.45 -12.25
C LEU A 160 -7.34 4.66 -13.09
N ALA A 161 -8.39 3.90 -12.78
CA ALA A 161 -9.69 4.06 -13.46
C ALA A 161 -10.14 5.53 -13.49
N ALA A 162 -10.10 6.19 -12.34
CA ALA A 162 -10.49 7.60 -12.26
C ALA A 162 -9.57 8.50 -13.10
N THR A 163 -8.27 8.28 -12.98
CA THR A 163 -7.32 9.07 -13.75
C THR A 163 -7.51 8.89 -15.25
N ALA A 164 -7.77 7.65 -15.66
CA ALA A 164 -7.99 7.35 -17.07
C ALA A 164 -9.25 8.04 -17.62
N ARG A 165 -10.36 7.93 -16.87
CA ARG A 165 -11.62 8.55 -17.27
C ARG A 165 -11.47 10.07 -17.43
N THR A 166 -10.85 10.70 -16.44
CA THR A 166 -10.58 12.13 -16.49
C THR A 166 -9.82 12.53 -17.77
N ALA A 167 -8.97 11.63 -18.25
CA ALA A 167 -8.23 11.89 -19.49
C ALA A 167 -9.02 11.59 -20.77
N GLY A 168 -10.18 10.94 -20.64
CA GLY A 168 -10.98 10.62 -21.81
C GLY A 168 -10.81 9.20 -22.30
N VAL A 169 -10.24 8.34 -21.46
CA VAL A 169 -10.07 6.94 -21.79
C VAL A 169 -11.33 6.16 -21.39
N HIS A 170 -11.74 5.22 -22.24
CA HIS A 170 -12.86 4.34 -21.91
C HIS A 170 -12.32 3.23 -21.02
N VAL A 171 -13.00 2.98 -19.91
CA VAL A 171 -12.50 2.05 -18.90
C VAL A 171 -13.50 0.95 -18.59
N SER A 172 -13.05 -0.30 -18.73
CA SER A 172 -13.78 -1.43 -18.22
C SER A 172 -12.98 -2.00 -17.06
N LEU A 173 -13.66 -2.53 -16.04
CA LEU A 173 -12.99 -3.13 -14.89
C LEU A 173 -13.64 -4.47 -14.55
N VAL A 174 -12.81 -5.50 -14.45
CA VAL A 174 -13.29 -6.84 -14.12
C VAL A 174 -12.78 -7.24 -12.73
N ALA A 175 -13.70 -7.67 -11.86
CA ALA A 175 -13.34 -8.13 -10.53
C ALA A 175 -13.98 -9.48 -10.25
N ARG A 176 -13.21 -10.41 -9.69
CA ARG A 176 -13.67 -11.78 -9.52
C ARG A 176 -14.69 -11.93 -8.39
N GLY A 177 -14.75 -10.95 -7.49
CA GLY A 177 -15.67 -10.99 -6.38
C GLY A 177 -16.89 -10.11 -6.60
N PRO A 178 -17.81 -10.11 -5.63
CA PRO A 178 -19.08 -9.39 -5.73
C PRO A 178 -18.96 -7.89 -5.46
N ARG A 179 -17.82 -7.44 -4.99
CA ARG A 179 -17.64 -6.02 -4.65
C ARG A 179 -16.22 -5.52 -4.88
N LEU A 180 -16.05 -4.21 -4.93
CA LEU A 180 -14.72 -3.59 -5.00
C LEU A 180 -14.13 -3.52 -3.60
N MET A 181 -12.82 -3.29 -3.53
CA MET A 181 -12.12 -3.02 -2.28
C MET A 181 -12.46 -4.00 -1.17
N SER A 182 -12.43 -5.30 -1.49
CA SER A 182 -12.85 -6.31 -0.54
C SER A 182 -11.89 -6.39 0.64
N ARG A 183 -10.67 -5.88 0.44
CA ARG A 183 -9.65 -5.80 1.47
C ARG A 183 -9.79 -4.51 2.28
N ALA A 184 -10.02 -4.64 3.59
CA ALA A 184 -10.00 -3.49 4.50
C ALA A 184 -10.88 -2.29 4.09
N ALA A 185 -12.09 -2.56 3.61
CA ALA A 185 -13.07 -1.48 3.37
C ALA A 185 -14.45 -1.93 3.79
N PRO A 186 -15.17 -1.06 4.54
CA PRO A 186 -16.54 -1.40 4.93
C PRO A 186 -17.41 -1.62 3.70
N ALA A 187 -18.36 -2.55 3.77
CA ALA A 187 -19.26 -2.79 2.64
C ALA A 187 -19.98 -1.54 2.17
N THR A 188 -20.37 -0.67 3.09
CA THR A 188 -21.10 0.53 2.72
C THR A 188 -20.25 1.40 1.80
N LEU A 189 -18.97 1.54 2.16
CA LEU A 189 -18.03 2.27 1.31
C LEU A 189 -17.85 1.61 -0.05
N ALA A 190 -17.60 0.31 -0.06
CA ALA A 190 -17.42 -0.42 -1.32
C ALA A 190 -18.62 -0.27 -2.26
N ASP A 191 -19.83 -0.36 -1.71
CA ASP A 191 -21.02 -0.21 -2.53
C ASP A 191 -21.07 1.18 -3.14
N PHE A 192 -20.80 2.17 -2.32
CA PHE A 192 -20.82 3.55 -2.79
C PHE A 192 -19.76 3.81 -3.85
N VAL A 193 -18.56 3.29 -3.63
CA VAL A 193 -17.47 3.46 -4.58
C VAL A 193 -17.83 2.88 -5.96
N ALA A 194 -18.49 1.72 -5.96
CA ALA A 194 -18.96 1.15 -7.21
C ALA A 194 -19.98 2.08 -7.87
N ARG A 195 -20.93 2.59 -7.08
CA ARG A 195 -21.92 3.54 -7.60
C ARG A 195 -21.26 4.76 -8.26
N TYR A 196 -20.26 5.33 -7.59
CA TYR A 196 -19.54 6.49 -8.11
C TYR A 196 -18.85 6.21 -9.45
N HIS A 197 -18.04 5.15 -9.51
CA HIS A 197 -17.32 4.84 -10.73
C HIS A 197 -18.26 4.51 -11.90
N ALA A 198 -19.34 3.78 -11.63
CA ALA A 198 -20.35 3.51 -12.67
C ALA A 198 -20.92 4.82 -13.24
N ALA A 199 -21.18 5.78 -12.36
CA ALA A 199 -21.73 7.07 -12.79
C ALA A 199 -20.69 7.88 -13.57
N GLN A 200 -19.41 7.57 -13.40
CA GLN A 200 -18.36 8.27 -14.14
C GLN A 200 -18.03 7.57 -15.44
N GLY A 201 -18.78 6.54 -15.79
CA GLY A 201 -18.59 5.85 -17.05
C GLY A 201 -17.79 4.56 -17.02
N VAL A 202 -17.34 4.13 -15.84
CA VAL A 202 -16.62 2.87 -15.74
C VAL A 202 -17.55 1.67 -15.93
N ASP A 203 -17.21 0.80 -16.88
CA ASP A 203 -18.00 -0.41 -17.15
C ASP A 203 -17.55 -1.51 -16.19
N LEU A 204 -18.29 -1.68 -15.09
CA LEU A 204 -17.96 -2.67 -14.06
C LEU A 204 -18.51 -4.08 -14.32
N ARG A 205 -17.65 -5.09 -14.21
CA ARG A 205 -18.07 -6.48 -14.29
C ARG A 205 -17.70 -7.18 -13.00
N PHE A 206 -18.71 -7.55 -12.20
CA PHE A 206 -18.45 -8.28 -10.97
C PHE A 206 -18.58 -9.78 -11.15
N GLU A 207 -17.95 -10.51 -10.24
CA GLU A 207 -17.93 -11.97 -10.23
C GLU A 207 -17.58 -12.59 -11.59
N ARG A 208 -16.60 -11.98 -12.24
CA ARG A 208 -16.03 -12.53 -13.47
C ARG A 208 -14.53 -12.68 -13.32
N SER A 209 -13.98 -13.69 -13.97
CA SER A 209 -12.55 -13.92 -13.98
C SER A 209 -12.05 -13.92 -15.41
N VAL A 210 -10.79 -13.53 -15.61
CA VAL A 210 -10.17 -13.63 -16.92
C VAL A 210 -9.70 -15.06 -17.15
N THR A 211 -10.17 -15.70 -18.22
CA THR A 211 -9.82 -17.10 -18.50
C THR A 211 -8.70 -17.21 -19.53
N GLY A 212 -8.42 -16.10 -20.20
CA GLY A 212 -7.42 -16.08 -21.25
C GLY A 212 -7.58 -14.86 -22.13
N SER A 213 -6.94 -14.88 -23.30
CA SER A 213 -7.06 -13.78 -24.26
C SER A 213 -6.54 -14.21 -25.63
N VAL A 214 -7.12 -13.63 -26.67
CA VAL A 214 -6.80 -13.98 -28.06
C VAL A 214 -6.87 -12.75 -28.97
N ASP A 215 -5.72 -12.42 -29.56
CA ASP A 215 -5.59 -11.30 -30.51
C ASP A 215 -6.37 -10.02 -30.15
N GLY A 216 -6.00 -9.39 -29.04
CA GLY A 216 -6.57 -8.11 -28.66
C GLY A 216 -7.90 -8.18 -27.92
N VAL A 217 -8.31 -9.37 -27.53
CA VAL A 217 -9.55 -9.53 -26.80
C VAL A 217 -9.34 -10.40 -25.55
N VAL A 218 -9.96 -10.00 -24.45
CA VAL A 218 -9.88 -10.75 -23.20
C VAL A 218 -11.11 -11.64 -23.01
N LEU A 219 -10.92 -12.86 -22.51
CA LEU A 219 -12.01 -13.83 -22.31
C LEU A 219 -12.35 -13.97 -20.84
N LEU A 220 -13.65 -14.10 -20.53
CA LEU A 220 -14.10 -14.22 -19.14
C LEU A 220 -14.75 -15.56 -18.82
N ASP A 221 -14.85 -15.87 -17.53
CA ASP A 221 -15.38 -17.16 -17.09
C ASP A 221 -16.88 -17.33 -17.31
N ASP A 222 -17.55 -16.25 -17.73
CA ASP A 222 -18.95 -16.34 -18.12
C ASP A 222 -19.09 -16.64 -19.61
N GLY A 223 -17.96 -16.82 -20.27
CA GLY A 223 -17.95 -17.16 -21.68
C GLY A 223 -18.03 -15.95 -22.60
N THR A 224 -17.83 -14.76 -22.04
CA THR A 224 -17.94 -13.53 -22.83
C THR A 224 -16.58 -12.92 -23.17
N ARG A 225 -16.61 -11.79 -23.89
CA ARG A 225 -15.38 -11.15 -24.36
C ARG A 225 -15.38 -9.66 -24.04
N ILE A 226 -14.18 -9.11 -23.88
CA ILE A 226 -13.96 -7.67 -23.79
C ILE A 226 -12.74 -7.36 -24.63
N ALA A 227 -12.87 -6.47 -25.59
CA ALA A 227 -11.70 -6.04 -26.34
C ALA A 227 -11.16 -4.77 -25.73
N ALA A 228 -9.83 -4.63 -25.73
CA ALA A 228 -9.17 -3.49 -25.11
C ALA A 228 -7.84 -3.23 -25.81
N ASP A 229 -7.39 -1.98 -25.76
CA ASP A 229 -6.10 -1.60 -26.30
C ASP A 229 -4.96 -1.88 -25.32
N MET A 230 -5.33 -2.13 -24.06
CA MET A 230 -4.37 -2.38 -22.99
C MET A 230 -5.08 -2.96 -21.77
N VAL A 231 -4.40 -3.90 -21.11
CA VAL A 231 -4.86 -4.47 -19.84
C VAL A 231 -3.88 -4.02 -18.74
N VAL A 232 -4.42 -3.49 -17.64
CA VAL A 232 -3.60 -3.25 -16.45
C VAL A 232 -4.09 -4.20 -15.37
N VAL A 233 -3.20 -5.06 -14.90
CA VAL A 233 -3.55 -6.06 -13.90
C VAL A 233 -3.24 -5.51 -12.50
N GLY A 234 -4.26 -5.51 -11.65
CA GLY A 234 -4.11 -5.01 -10.30
C GLY A 234 -4.78 -5.96 -9.35
N ILE A 235 -4.23 -7.17 -9.24
CA ILE A 235 -4.87 -8.19 -8.42
C ILE A 235 -4.14 -8.46 -7.11
N GLY A 236 -3.46 -7.45 -6.59
CA GLY A 236 -2.73 -7.63 -5.35
C GLY A 236 -1.25 -7.83 -5.57
N VAL A 237 -0.50 -7.96 -4.48
CA VAL A 237 0.95 -8.09 -4.58
C VAL A 237 1.44 -9.27 -3.75
N LEU A 238 2.67 -9.70 -4.00
CA LEU A 238 3.31 -10.77 -3.24
C LEU A 238 4.55 -10.19 -2.60
N ALA A 239 4.81 -10.54 -1.34
CA ALA A 239 5.99 -10.01 -0.65
C ALA A 239 7.26 -10.42 -1.38
N ASN A 240 8.23 -9.49 -1.46
CA ASN A 240 9.53 -9.79 -2.03
C ASN A 240 10.41 -10.42 -0.97
N ASP A 241 10.12 -11.66 -0.60
CA ASP A 241 10.78 -12.25 0.56
C ASP A 241 11.72 -13.39 0.18
N ALA A 242 12.09 -13.48 -1.10
CA ALA A 242 12.97 -14.57 -1.56
C ALA A 242 14.30 -14.68 -0.82
N LEU A 243 14.94 -13.55 -0.50
CA LEU A 243 16.23 -13.61 0.19
C LEU A 243 16.08 -14.16 1.59
N ALA A 244 15.02 -13.73 2.27
CA ALA A 244 14.71 -14.20 3.62
C ALA A 244 14.43 -15.70 3.61
N ARG A 245 13.63 -16.14 2.65
CA ARG A 245 13.31 -17.55 2.52
C ARG A 245 14.57 -18.41 2.30
N ALA A 246 15.45 -17.96 1.41
CA ALA A 246 16.67 -18.71 1.12
C ALA A 246 17.62 -18.77 2.32
N ALA A 247 17.61 -17.72 3.12
CA ALA A 247 18.52 -17.64 4.26
C ALA A 247 17.96 -18.34 5.50
N GLY A 248 16.74 -18.82 5.43
CA GLY A 248 16.18 -19.58 6.54
C GLY A 248 15.33 -18.82 7.56
N LEU A 249 14.85 -17.64 7.16
CA LEU A 249 13.95 -16.87 8.03
C LEU A 249 12.54 -17.41 7.92
N ALA A 250 11.73 -17.23 8.96
CA ALA A 250 10.31 -17.59 8.88
C ALA A 250 9.56 -16.60 7.95
N CYS A 251 8.99 -17.11 6.86
CA CYS A 251 8.22 -16.31 5.90
C CYS A 251 7.03 -17.07 5.39
N ASP A 252 5.97 -16.35 5.04
CA ASP A 252 4.81 -16.95 4.39
C ASP A 252 4.13 -15.83 3.60
N ASP A 253 4.57 -15.60 2.37
CA ASP A 253 4.19 -14.40 1.61
C ASP A 253 4.38 -13.18 2.51
N GLY A 254 5.61 -13.02 3.00
CA GLY A 254 5.89 -11.98 3.97
C GLY A 254 6.74 -12.51 5.10
N ILE A 255 7.69 -11.69 5.54
CA ILE A 255 8.61 -12.04 6.61
C ILE A 255 7.96 -11.72 7.95
N PHE A 256 7.86 -12.73 8.82
CA PHE A 256 7.27 -12.51 10.13
C PHE A 256 8.19 -11.67 10.99
N VAL A 257 7.65 -10.59 11.55
CA VAL A 257 8.41 -9.78 12.49
C VAL A 257 7.57 -9.47 13.71
N ASP A 258 8.24 -9.20 14.82
CA ASP A 258 7.57 -8.69 16.01
C ASP A 258 7.53 -7.16 15.98
N ALA A 259 7.18 -6.54 17.10
CA ALA A 259 6.99 -5.09 17.12
C ALA A 259 8.30 -4.32 17.09
N TYR A 260 9.42 -5.03 17.20
CA TYR A 260 10.74 -4.40 17.10
C TYR A 260 11.30 -4.60 15.70
N GLY A 261 10.52 -5.22 14.81
CA GLY A 261 10.98 -5.50 13.46
C GLY A 261 11.90 -6.70 13.35
N ARG A 262 12.06 -7.45 14.45
CA ARG A 262 12.95 -8.61 14.43
C ARG A 262 12.36 -9.77 13.64
N THR A 263 13.19 -10.40 12.82
CA THR A 263 12.83 -11.64 12.12
C THR A 263 13.28 -12.79 13.01
N THR A 264 13.11 -14.04 12.59
CA THR A 264 13.61 -15.14 13.39
C THR A 264 15.13 -15.33 13.31
N CYS A 265 15.80 -14.54 12.47
CA CYS A 265 17.25 -14.65 12.33
C CYS A 265 17.95 -13.52 13.06
N PRO A 266 18.89 -13.86 13.95
CA PRO A 266 19.64 -12.84 14.72
C PRO A 266 20.30 -11.78 13.82
N ASP A 267 20.17 -10.52 14.22
CA ASP A 267 20.73 -9.35 13.52
C ASP A 267 20.09 -9.04 12.18
N VAL A 268 18.96 -9.68 11.87
CA VAL A 268 18.24 -9.36 10.64
C VAL A 268 16.84 -8.87 11.00
N TYR A 269 16.49 -7.69 10.49
CA TYR A 269 15.21 -7.03 10.73
C TYR A 269 14.46 -6.90 9.42
N ALA A 270 13.16 -6.62 9.47
CA ALA A 270 12.40 -6.35 8.25
C ALA A 270 11.31 -5.32 8.52
N LEU A 271 10.92 -4.58 7.49
CA LEU A 271 9.90 -3.56 7.70
C LEU A 271 9.19 -3.26 6.40
N GLY A 272 8.01 -2.68 6.49
CA GLY A 272 7.28 -2.26 5.31
C GLY A 272 6.42 -3.35 4.69
N ASP A 273 6.17 -3.19 3.39
CA ASP A 273 5.29 -4.10 2.65
C ASP A 273 5.74 -5.56 2.70
N VAL A 274 7.03 -5.80 2.93
CA VAL A 274 7.54 -7.18 2.91
C VAL A 274 7.17 -7.98 4.18
N THR A 275 6.67 -7.28 5.21
CA THR A 275 6.47 -7.96 6.50
C THR A 275 5.06 -8.48 6.75
N ARG A 276 4.97 -9.55 7.54
CA ARG A 276 3.70 -9.96 8.15
C ARG A 276 3.83 -9.59 9.59
N GLN A 277 2.88 -8.81 10.10
CA GLN A 277 3.01 -8.29 11.46
C GLN A 277 1.65 -8.31 12.15
N ARG A 278 1.69 -8.10 13.45
CA ARG A 278 0.48 -8.11 14.26
C ARG A 278 -0.36 -6.84 14.05
N ASN A 279 -1.63 -7.04 13.78
CA ASN A 279 -2.59 -5.95 13.74
C ASN A 279 -3.20 -5.92 15.13
N PRO A 280 -2.95 -4.86 15.89
CA PRO A 280 -3.37 -4.78 17.30
C PRO A 280 -4.88 -4.75 17.48
N LEU A 281 -5.61 -4.34 16.44
CA LEU A 281 -7.07 -4.31 16.49
C LEU A 281 -7.67 -5.69 16.33
N SER A 282 -7.19 -6.45 15.37
CA SER A 282 -7.70 -7.78 15.14
C SER A 282 -6.92 -8.81 15.96
N GLY A 283 -5.72 -8.44 16.39
CA GLY A 283 -4.85 -9.36 17.12
C GLY A 283 -4.24 -10.44 16.25
N ARG A 284 -4.48 -10.37 14.94
CA ARG A 284 -3.94 -11.37 14.00
C ARG A 284 -2.77 -10.81 13.21
N PHE A 285 -1.93 -11.73 12.72
CA PHE A 285 -0.84 -11.34 11.82
C PHE A 285 -1.36 -11.12 10.41
N GLU A 286 -0.92 -10.03 9.79
CA GLU A 286 -1.38 -9.62 8.46
C GLU A 286 -0.22 -8.94 7.75
N ARG A 287 -0.21 -9.01 6.43
CA ARG A 287 0.73 -8.17 5.70
C ARG A 287 0.00 -6.83 5.49
N ILE A 288 0.47 -5.77 6.15
CA ILE A 288 -0.19 -4.48 6.10
C ILE A 288 0.52 -3.63 5.05
N GLU A 289 -0.16 -3.38 3.94
CA GLU A 289 0.53 -2.83 2.78
C GLU A 289 0.21 -1.34 2.53
N THR A 290 0.11 -0.58 3.60
CA THR A 290 -0.27 0.83 3.51
C THR A 290 0.95 1.76 3.51
N TRP A 291 0.76 2.98 3.00
CA TRP A 291 1.81 3.98 3.00
C TRP A 291 2.17 4.34 4.45
N SER A 292 1.15 4.51 5.30
CA SER A 292 1.41 4.88 6.70
C SER A 292 2.21 3.81 7.43
N ASN A 293 1.95 2.54 7.14
CA ASN A 293 2.72 1.48 7.77
C ASN A 293 4.20 1.54 7.36
N ALA A 294 4.42 1.70 6.06
CA ALA A 294 5.78 1.71 5.53
C ALA A 294 6.61 2.78 6.24
N GLN A 295 6.04 3.97 6.37
CA GLN A 295 6.75 5.05 7.04
C GLN A 295 6.84 4.83 8.55
N ASN A 296 5.70 4.54 9.18
CA ASN A 296 5.67 4.52 10.63
C ASN A 296 6.35 3.29 11.23
N GLN A 297 6.22 2.14 10.57
CA GLN A 297 6.93 0.95 11.03
C GLN A 297 8.43 1.15 10.85
N GLY A 298 8.82 1.74 9.71
CA GLY A 298 10.23 2.04 9.50
C GLY A 298 10.77 2.96 10.59
N ILE A 299 10.02 4.01 10.92
CA ILE A 299 10.47 4.91 11.98
C ILE A 299 10.55 4.20 13.35
N ALA A 300 9.52 3.43 13.69
CA ALA A 300 9.48 2.76 14.99
C ALA A 300 10.65 1.78 15.17
N VAL A 301 10.91 0.99 14.14
CA VAL A 301 11.99 0.01 14.21
C VAL A 301 13.35 0.69 14.37
N ALA A 302 13.58 1.76 13.61
CA ALA A 302 14.82 2.52 13.75
C ALA A 302 14.96 3.12 15.14
N ARG A 303 13.88 3.71 15.64
CA ARG A 303 13.91 4.38 16.93
C ARG A 303 14.33 3.41 18.04
N HIS A 304 13.73 2.22 18.02
CA HIS A 304 14.02 1.18 19.03
C HIS A 304 15.41 0.56 18.88
N LEU A 305 15.92 0.50 17.64
CA LEU A 305 17.29 0.06 17.43
C LEU A 305 18.30 0.99 18.08
N VAL A 306 18.07 2.30 17.97
CA VAL A 306 19.01 3.28 18.54
C VAL A 306 18.78 3.43 20.05
N ASP A 307 17.51 3.42 20.47
CA ASP A 307 17.13 3.52 21.88
C ASP A 307 16.19 2.38 22.27
N PRO A 308 16.76 1.29 22.80
CA PRO A 308 16.05 0.06 23.17
C PRO A 308 14.97 0.26 24.24
N THR A 309 14.95 1.41 24.92
CA THR A 309 13.89 1.70 25.88
C THR A 309 12.63 2.22 25.20
N ALA A 310 12.75 2.65 23.94
CA ALA A 310 11.57 3.06 23.17
C ALA A 310 10.63 1.88 22.99
N PRO A 311 9.32 2.14 22.86
CA PRO A 311 8.36 1.03 22.72
C PRO A 311 8.44 0.44 21.33
N GLY A 312 7.83 -0.73 21.14
CA GLY A 312 7.75 -1.35 19.85
C GLY A 312 6.77 -0.59 18.97
N TYR A 313 6.70 -0.96 17.69
CA TYR A 313 5.72 -0.36 16.79
C TYR A 313 4.31 -0.67 17.30
N ALA A 314 3.45 0.35 17.33
CA ALA A 314 2.16 0.18 17.99
C ALA A 314 0.98 0.83 17.28
N GLU A 315 1.24 1.43 16.12
CA GLU A 315 0.20 2.15 15.38
C GLU A 315 -0.93 1.25 14.88
N LEU A 316 -2.13 1.81 14.87
CA LEU A 316 -3.26 1.12 14.27
C LEU A 316 -3.26 1.45 12.78
N PRO A 317 -3.65 0.50 11.95
CA PRO A 317 -3.53 0.69 10.49
C PRO A 317 -4.57 1.65 9.91
N TRP A 318 -4.17 2.37 8.86
CA TRP A 318 -5.09 3.27 8.16
C TRP A 318 -4.52 3.57 6.77
N TYR A 319 -5.39 3.91 5.83
CA TYR A 319 -4.91 4.38 4.54
C TYR A 319 -5.86 5.41 3.97
N TRP A 320 -5.44 6.03 2.87
CA TRP A 320 -6.33 6.88 2.09
C TRP A 320 -6.31 6.34 0.65
N SER A 321 -7.24 6.81 -0.16
CA SER A 321 -7.27 6.50 -1.59
C SER A 321 -7.95 7.64 -2.32
N ASP A 322 -7.23 8.29 -3.23
CA ASP A 322 -7.83 9.36 -4.02
C ASP A 322 -8.37 8.81 -5.32
N GLN A 323 -9.69 8.81 -5.46
CA GLN A 323 -10.34 8.26 -6.63
C GLN A 323 -11.22 9.33 -7.25
N GLY A 324 -10.63 10.14 -8.12
CA GLY A 324 -11.34 11.25 -8.74
C GLY A 324 -11.90 12.24 -7.72
N ALA A 325 -13.22 12.38 -7.68
CA ALA A 325 -13.86 13.32 -6.76
C ALA A 325 -13.94 12.79 -5.31
N LEU A 326 -13.60 11.52 -5.11
CA LEU A 326 -13.65 10.91 -3.78
C LEU A 326 -12.30 10.92 -3.10
N ARG A 327 -12.20 11.60 -1.96
CA ARG A 327 -11.02 11.57 -1.12
C ARG A 327 -11.39 10.62 0.00
N ILE A 328 -10.92 9.38 -0.08
CA ILE A 328 -11.33 8.34 0.86
C ILE A 328 -10.27 8.12 1.92
N GLN A 329 -10.69 8.02 3.18
CA GLN A 329 -9.79 7.69 4.28
C GLN A 329 -10.43 6.59 5.11
N VAL A 330 -9.64 5.59 5.49
CA VAL A 330 -10.17 4.41 6.16
C VAL A 330 -9.21 4.01 7.27
N ALA A 331 -9.72 3.83 8.48
CA ALA A 331 -8.87 3.41 9.59
C ALA A 331 -9.47 2.21 10.30
N GLY A 332 -8.62 1.36 10.86
CA GLY A 332 -9.10 0.23 11.66
C GLY A 332 -9.79 -0.87 10.88
N LEU A 333 -10.72 -1.54 11.55
CA LEU A 333 -11.41 -2.70 11.00
C LEU A 333 -12.57 -2.27 10.14
N ALA A 334 -12.90 -3.09 9.13
CA ALA A 334 -13.92 -2.74 8.17
C ALA A 334 -15.33 -2.92 8.74
N SER A 335 -15.45 -3.73 9.78
CA SER A 335 -16.76 -3.98 10.38
C SER A 335 -16.69 -4.35 11.88
N GLY A 336 -17.82 -4.21 12.56
CA GLY A 336 -17.94 -4.58 13.96
C GLY A 336 -19.33 -5.16 14.16
N ASP A 337 -19.98 -4.85 15.27
CA ASP A 337 -21.39 -5.25 15.42
C ASP A 337 -22.35 -4.13 15.06
N GLU A 338 -21.81 -2.97 14.72
CA GLU A 338 -22.65 -1.82 14.35
C GLU A 338 -21.87 -0.81 13.51
N GLU A 339 -22.55 -0.22 12.54
CA GLU A 339 -22.00 0.91 11.78
C GLU A 339 -22.90 2.14 11.97
N ILE A 340 -22.28 3.22 12.40
CA ILE A 340 -22.95 4.52 12.48
C ILE A 340 -22.57 5.35 11.27
N VAL A 341 -23.58 5.92 10.61
CA VAL A 341 -23.37 6.73 9.42
C VAL A 341 -23.66 8.20 9.73
N ARG A 342 -22.64 9.04 9.60
CA ARG A 342 -22.81 10.48 9.79
C ARG A 342 -22.92 11.13 8.41
N GLY A 343 -24.06 11.80 8.17
CA GLY A 343 -24.29 12.46 6.92
C GLY A 343 -25.01 11.55 5.95
N GLU A 344 -25.27 12.04 4.75
CA GLU A 344 -25.96 11.25 3.74
C GLU A 344 -24.96 10.65 2.76
N VAL A 345 -25.26 9.45 2.29
CA VAL A 345 -24.43 8.76 1.30
C VAL A 345 -25.03 8.99 -0.08
N SER A 346 -24.50 9.99 -0.79
CA SER A 346 -25.08 10.43 -2.07
C SER A 346 -24.05 10.87 -3.10
N LEU A 347 -24.32 10.57 -4.37
CA LEU A 347 -23.45 11.01 -5.46
C LEU A 347 -23.53 12.51 -5.68
N ASP A 348 -24.60 13.13 -5.16
CA ASP A 348 -24.72 14.58 -5.17
C ASP A 348 -23.83 15.14 -4.08
N ALA A 349 -22.62 15.54 -4.46
CA ALA A 349 -21.60 16.05 -3.54
C ALA A 349 -21.31 15.11 -2.36
N PRO A 350 -20.65 13.97 -2.64
CA PRO A 350 -20.36 13.00 -1.60
C PRO A 350 -19.59 13.61 -0.44
N LYS A 351 -20.11 13.40 0.76
CA LYS A 351 -19.43 13.74 2.00
C LYS A 351 -20.12 12.92 3.08
N PHE A 352 -19.37 12.03 3.72
CA PHE A 352 -19.93 11.23 4.80
C PHE A 352 -18.85 10.57 5.62
N THR A 353 -19.24 10.08 6.79
CA THR A 353 -18.30 9.46 7.72
C THR A 353 -18.96 8.18 8.20
N LEU A 354 -18.18 7.10 8.32
CA LEU A 354 -18.70 5.84 8.86
C LEU A 354 -17.93 5.55 10.14
N ILE A 355 -18.61 4.98 11.13
CA ILE A 355 -17.93 4.60 12.36
C ILE A 355 -18.32 3.16 12.68
N GLU A 356 -17.33 2.28 12.84
CA GLU A 356 -17.59 0.88 13.13
C GLU A 356 -17.32 0.66 14.60
N LEU A 357 -18.30 0.05 15.28
CA LEU A 357 -18.14 -0.24 16.71
C LEU A 357 -18.36 -1.72 16.99
N GLN A 358 -17.75 -2.16 18.08
CA GLN A 358 -17.78 -3.55 18.52
C GLN A 358 -17.89 -3.47 20.03
N LYS A 359 -19.01 -3.94 20.57
CA LYS A 359 -19.27 -3.83 22.01
C LYS A 359 -19.10 -2.39 22.51
N GLY A 360 -19.62 -1.44 21.74
CA GLY A 360 -19.56 -0.04 22.13
C GLY A 360 -18.24 0.67 21.88
N ARG A 361 -17.18 -0.07 21.57
CA ARG A 361 -15.87 0.54 21.31
C ARG A 361 -15.65 0.81 19.81
N ILE A 362 -15.09 1.97 19.50
CA ILE A 362 -14.76 2.29 18.11
C ILE A 362 -13.60 1.39 17.64
N VAL A 363 -13.83 0.62 16.57
CA VAL A 363 -12.81 -0.25 16.01
C VAL A 363 -12.45 0.11 14.56
N GLY A 364 -13.20 1.04 13.96
CA GLY A 364 -12.87 1.49 12.61
C GLY A 364 -13.64 2.74 12.19
N ALA A 365 -13.14 3.43 11.18
CA ALA A 365 -13.78 4.64 10.69
C ALA A 365 -13.42 4.91 9.23
N THR A 366 -14.35 5.55 8.51
CA THR A 366 -14.15 5.94 7.11
C THR A 366 -14.61 7.38 6.97
N CYS A 367 -13.83 8.20 6.28
CA CYS A 367 -14.29 9.52 5.89
C CYS A 367 -14.20 9.65 4.38
N VAL A 368 -15.27 10.15 3.76
CA VAL A 368 -15.25 10.41 2.33
C VAL A 368 -15.45 11.90 2.17
N ASN A 369 -14.42 12.57 1.65
CA ASN A 369 -14.40 14.02 1.50
C ASN A 369 -14.70 14.75 2.81
N ASN A 370 -14.07 14.30 3.88
CA ASN A 370 -14.37 14.82 5.20
C ASN A 370 -13.17 14.64 6.12
N ALA A 371 -12.01 15.11 5.65
CA ALA A 371 -10.75 14.91 6.36
C ALA A 371 -10.78 15.48 7.77
N ARG A 372 -11.61 16.49 7.98
CA ARG A 372 -11.69 17.16 9.28
C ARG A 372 -12.03 16.18 10.40
N ASP A 373 -12.91 15.22 10.11
CA ASP A 373 -13.34 14.23 11.09
C ASP A 373 -12.40 13.04 11.27
N PHE A 374 -11.51 12.81 10.31
CA PHE A 374 -10.67 11.61 10.32
C PHE A 374 -9.65 11.60 11.45
N ALA A 375 -8.96 12.72 11.64
CA ALA A 375 -7.95 12.79 12.70
C ALA A 375 -8.51 12.55 14.12
N PRO A 376 -9.63 13.22 14.48
CA PRO A 376 -10.18 12.88 15.80
C PRO A 376 -10.71 11.45 15.91
N LEU A 377 -11.24 10.90 14.81
CA LEU A 377 -11.65 9.51 14.83
C LEU A 377 -10.46 8.55 15.05
N ARG A 378 -9.31 8.84 14.44
CA ARG A 378 -8.14 7.98 14.64
C ARG A 378 -7.65 8.03 16.08
N ARG A 379 -7.80 9.18 16.72
CA ARG A 379 -7.43 9.31 18.14
C ARG A 379 -8.38 8.49 19.01
N LEU A 380 -9.68 8.62 18.75
CA LEU A 380 -10.70 7.85 19.46
C LEU A 380 -10.46 6.35 19.28
N LEU A 381 -10.15 5.97 18.03
CA LEU A 381 -9.83 4.59 17.70
C LEU A 381 -8.61 4.07 18.45
N ALA A 382 -7.61 4.94 18.61
CA ALA A 382 -6.34 4.57 19.26
C ALA A 382 -6.54 4.15 20.72
N VAL A 383 -7.42 4.87 21.43
CA VAL A 383 -7.63 4.63 22.85
C VAL A 383 -8.82 3.69 23.13
N GLY A 384 -9.40 3.15 22.07
CA GLY A 384 -10.55 2.25 22.21
C GLY A 384 -11.72 2.93 22.88
N ALA A 385 -11.98 4.17 22.48
CA ALA A 385 -13.06 4.99 23.06
C ALA A 385 -14.43 4.32 22.91
N LYS A 386 -15.29 4.55 23.89
CA LYS A 386 -16.68 4.09 23.83
C LYS A 386 -17.65 5.25 23.98
N PRO A 387 -17.73 6.13 22.97
CA PRO A 387 -18.59 7.30 23.08
C PRO A 387 -20.07 6.92 22.97
N ASP A 388 -20.92 7.80 23.45
CA ASP A 388 -22.37 7.64 23.32
C ASP A 388 -22.75 7.54 21.83
N ARG A 389 -23.37 6.43 21.44
CA ARG A 389 -23.69 6.19 20.03
C ARG A 389 -24.72 7.18 19.49
N ALA A 390 -25.56 7.70 20.37
CA ALA A 390 -26.49 8.75 19.97
C ALA A 390 -25.72 10.03 19.61
N ALA A 391 -24.69 10.35 20.39
CA ALA A 391 -23.83 11.50 20.08
C ALA A 391 -23.07 11.25 18.79
N LEU A 392 -22.54 10.03 18.63
CA LEU A 392 -21.81 9.68 17.40
C LEU A 392 -22.66 9.83 16.14
N ALA A 393 -23.95 9.56 16.25
CA ALA A 393 -24.86 9.69 15.12
C ALA A 393 -25.30 11.14 14.92
N ASP A 394 -25.52 11.82 16.04
CA ASP A 394 -26.03 13.20 16.03
C ASP A 394 -25.05 14.14 15.32
N PRO A 395 -25.47 14.70 14.18
CA PRO A 395 -24.59 15.53 13.35
C PRO A 395 -24.22 16.84 14.04
N ALA A 396 -24.97 17.19 15.08
CA ALA A 396 -24.65 18.34 15.90
C ALA A 396 -23.32 18.11 16.63
N THR A 397 -23.01 16.85 16.90
CA THR A 397 -21.81 16.48 17.65
C THR A 397 -20.52 16.86 16.93
N ASP A 398 -19.61 17.48 17.67
CA ASP A 398 -18.28 17.77 17.14
C ASP A 398 -17.34 16.66 17.55
N LEU A 399 -16.88 15.88 16.57
CA LEU A 399 -16.01 14.74 16.84
C LEU A 399 -14.69 15.18 17.47
N ARG A 400 -14.17 16.34 17.04
CA ARG A 400 -12.92 16.85 17.60
C ARG A 400 -13.03 17.07 19.11
N LYS A 401 -14.11 17.70 19.53
CA LYS A 401 -14.33 18.00 20.95
C LYS A 401 -14.63 16.73 21.75
N LEU A 402 -15.40 15.84 21.15
CA LEU A 402 -15.71 14.54 21.76
C LEU A 402 -14.42 13.79 22.06
N ALA A 403 -13.41 13.99 21.23
CA ALA A 403 -12.12 13.34 21.39
C ALA A 403 -11.31 13.87 22.57
N ALA A 404 -11.98 14.09 23.70
CA ALA A 404 -11.32 14.63 24.88
C ALA A 404 -11.53 13.72 26.11
PA FAD B . 8.50 -0.72 -1.81
O1A FAD B . 8.00 -1.78 -2.77
O2A FAD B . 7.96 0.62 -2.14
O5B FAD B . 10.08 -0.64 -1.85
C5B FAD B . 10.85 -1.83 -1.98
C4B FAD B . 11.97 -1.70 -2.93
O4B FAD B . 12.88 -2.74 -2.71
C3B FAD B . 11.48 -1.84 -4.34
O3B FAD B . 12.05 -0.79 -5.13
C2B FAD B . 11.96 -3.11 -4.71
O2B FAD B . 12.16 -3.27 -6.14
C1B FAD B . 13.23 -3.20 -3.99
N9A FAD B . 13.82 -4.55 -3.90
C8A FAD B . 13.14 -5.72 -3.81
N7A FAD B . 14.05 -6.72 -3.76
C5A FAD B . 15.29 -6.21 -3.82
C6A FAD B . 16.59 -6.73 -3.81
N6A FAD B . 16.80 -8.19 -3.70
N1A FAD B . 17.64 -5.90 -3.89
C2A FAD B . 17.44 -4.56 -3.97
N3A FAD B . 16.22 -4.04 -3.98
C4A FAD B . 15.15 -4.82 -3.90
N1 FAD B . -0.71 3.47 -0.33
C2 FAD B . -1.71 4.05 0.35
O2 FAD B . -1.81 3.84 1.72
N3 FAD B . -2.60 4.86 -0.26
C4 FAD B . -2.63 4.92 -1.61
O4 FAD B . -3.70 5.54 -2.26
C4X FAD B . -1.59 4.35 -2.38
N5 FAD B . -1.47 4.50 -3.73
C5X FAD B . -0.56 3.72 -4.39
C6 FAD B . -0.58 3.64 -5.79
C7 FAD B . 0.34 2.83 -6.47
C7M FAD B . 0.29 2.77 -7.94
C8 FAD B . 1.29 2.09 -5.75
C8M FAD B . 2.27 1.23 -6.45
C9 FAD B . 1.32 2.17 -4.36
C9A FAD B . 0.37 2.98 -3.69
N10 FAD B . 0.41 3.09 -2.33
C10 FAD B . -0.65 3.61 -1.67
C1' FAD B . 1.68 3.45 -1.76
C2' FAD B . 2.29 2.32 -0.91
O2' FAD B . 1.56 1.86 0.00
C3' FAD B . 3.79 2.36 -0.72
O3' FAD B . 4.43 2.52 -1.92
C4' FAD B . 4.28 1.09 -0.04
O4' FAD B . 3.43 0.72 1.03
C5' FAD B . 5.74 1.25 0.39
O5' FAD B . 6.32 0.09 1.01
P FAD B . 7.84 -0.37 0.93
O1P FAD B . 8.82 0.74 1.13
O2P FAD B . 7.97 -1.38 2.08
O3P FAD B . 8.04 -1.18 -0.37
C1 GOL C . -1.10 -2.75 -9.56
O1 GOL C . -0.73 -3.61 -10.62
C2 GOL C . -0.69 -3.25 -8.17
O2 GOL C . -0.94 -4.65 -8.02
C3 GOL C . 0.79 -2.95 -7.85
O3 GOL C . 0.97 -2.64 -6.47
PA NAP D . -5.74 -5.21 -3.73
O1A NAP D . -6.05 -3.92 -3.00
O2A NAP D . -5.74 -6.31 -2.77
O5B NAP D . -6.85 -5.52 -4.80
C5B NAP D . -6.92 -6.85 -5.44
C4B NAP D . -8.03 -7.17 -6.25
O4B NAP D . -7.66 -8.27 -7.17
C3B NAP D . -9.16 -7.70 -5.46
O3B NAP D . -10.30 -7.48 -6.13
C2B NAP D . -8.89 -9.14 -5.40
O2B NAP D . -9.98 -9.89 -5.35
C1B NAP D . -8.32 -9.43 -6.75
N9A NAP D . -7.50 -10.62 -6.70
C8A NAP D . -6.64 -10.94 -5.73
N7A NAP D . -6.07 -12.12 -6.03
C5A NAP D . -6.57 -12.56 -7.21
C6A NAP D . -6.36 -13.69 -8.00
N6A NAP D . -5.41 -14.71 -7.57
N1A NAP D . -7.05 -13.82 -9.16
C2A NAP D . -7.92 -12.88 -9.54
N3A NAP D . -8.15 -11.79 -8.80
C4A NAP D . -7.49 -11.60 -7.64
O3 NAP D . -4.34 -5.13 -4.43
PN NAP D . -3.72 -3.91 -5.22
O1N NAP D . -4.79 -2.88 -5.62
O2N NAP D . -3.06 -4.48 -6.52
O5D NAP D . -2.67 -3.15 -4.31
C5D NAP D . -1.54 -3.70 -3.64
C4D NAP D . -0.49 -2.70 -3.16
O4D NAP D . -0.93 -1.40 -3.39
C3D NAP D . -0.30 -2.71 -1.68
O3D NAP D . 0.88 -2.04 -1.35
C2D NAP D . -1.42 -1.93 -1.29
O2D NAP D . -1.40 -1.58 0.01
C1D NAP D . -1.18 -0.78 -2.14
N1N NAP D . -2.28 0.02 -2.18
P2B NAP D . -10.68 -10.35 -4.02
O1X NAP D . -10.96 -9.12 -3.21
O2X NAP D . -11.96 -11.01 -4.40
O3X NAP D . -9.80 -11.36 -3.19
C FMT E . 3.55 14.80 -11.40
O1 FMT E . 3.66 14.99 -12.61
O2 FMT E . 2.78 15.44 -10.67
C FMT F . -3.96 -11.42 -27.04
O1 FMT F . -3.42 -10.98 -28.05
O2 FMT F . -3.40 -12.11 -26.18
C FMT G . -11.76 16.89 3.11
O1 FMT G . -12.45 17.42 3.99
O2 FMT G . -12.19 16.57 2.00
C FMT H . -3.60 12.20 -0.09
O1 FMT H . -2.93 12.09 -1.13
O2 FMT H . -3.26 11.75 1.01
C FMT I . 0.22 -9.51 -15.66
O1 FMT I . 1.33 -9.19 -16.09
O2 FMT I . -0.11 -10.68 -15.41
C FMT J . 20.22 -4.88 -10.63
O1 FMT J . 20.97 -4.85 -11.62
O2 FMT J . 19.12 -4.32 -10.57
C FMT K . 9.55 11.69 -15.71
O1 FMT K . 9.72 12.87 -15.41
O2 FMT K . 8.79 11.22 -16.58
C FMT L . 12.75 -7.73 -7.33
O1 FMT L . 12.59 -8.63 -6.49
O2 FMT L . 12.33 -6.56 -7.22
#